data_6J2S
#
_entry.id   6J2S
#
_cell.length_a   50.930
_cell.length_b   100.460
_cell.length_c   58.540
_cell.angle_alpha   90.000
_cell.angle_beta   109.550
_cell.angle_gamma   90.000
#
_symmetry.space_group_name_H-M   'P 1 21 1'
#
loop_
_entity.id
_entity.type
_entity.pdbx_description
1 polymer 'Ferric iron-binding periplasmic protein'
2 non-polymer 'PHOSPHATE ION'
3 non-polymer 'GALLIUM (III) ION'
4 water water
#
_entity_poly.entity_id   1
_entity_poly.type   'polypeptide(L)'
_entity_poly.pdbx_seq_one_letter_code
;PVTLTLYNGQHAATGIAIAKAFQDKTGIQVKIRKGGDGQLASQITEEGARSPADVLYTEESPPLIRLASAGLLAKLEPET
LALVEPEHAGGNGDWIGITARTRVLAYNPKKIDEKDLPKSLMDLSDPSWSGRFGFVPTSGAFLEQVAAVIKLKGQEEAED
WLTGLKAFGSIYTNNVTAMKAVENGEVDMALINNYYWYTLKKEKGELNSRLHYFGNQDPGALVTVSGAAVLKSSKHPREA
QQFVAFMLSEEGQKAILSQSAEYPMRKGMQADPALKPFAELDPPKLTPADLGEASEALSLERDVGLN
;
_entity_poly.pdbx_strand_id   A,B
#
# COMPACT_ATOMS: atom_id res chain seq x y z
N PRO A 1 18.02 40.15 6.28
CA PRO A 1 18.98 39.84 5.22
C PRO A 1 19.10 38.34 4.94
N VAL A 2 18.04 37.58 5.17
CA VAL A 2 18.03 36.14 4.95
C VAL A 2 17.28 35.83 3.65
N THR A 3 17.94 35.10 2.76
CA THR A 3 17.34 34.62 1.52
C THR A 3 17.45 33.11 1.50
N LEU A 4 16.33 32.42 1.35
CA LEU A 4 16.30 30.98 1.18
C LEU A 4 16.45 30.67 -0.31
N THR A 5 17.20 29.61 -0.61
CA THR A 5 17.33 29.13 -1.98
C THR A 5 16.49 27.87 -2.12
N LEU A 6 15.52 27.91 -3.03
CA LEU A 6 14.61 26.81 -3.30
C LEU A 6 15.00 26.17 -4.63
N TYR A 7 15.37 24.89 -4.60
CA TYR A 7 15.55 24.12 -5.82
C TYR A 7 14.19 23.56 -6.18
N ASN A 8 13.58 24.08 -7.25
CA ASN A 8 12.19 23.80 -7.57
C ASN A 8 12.14 22.82 -8.73
N GLY A 9 11.90 21.56 -8.41
CA GLY A 9 11.55 20.58 -9.42
C GLY A 9 10.07 20.54 -9.76
N GLN A 10 9.23 21.21 -8.98
CA GLN A 10 7.83 21.31 -9.35
C GLN A 10 7.68 22.26 -10.53
N HIS A 11 6.47 22.30 -11.06
CA HIS A 11 6.20 23.21 -12.17
C HIS A 11 6.45 24.65 -11.76
N ALA A 12 6.90 25.47 -12.72
CA ALA A 12 7.52 26.75 -12.37
C ALA A 12 6.54 27.68 -11.64
N ALA A 13 5.30 27.80 -12.12
CA ALA A 13 4.33 28.70 -11.49
C ALA A 13 3.97 28.25 -10.07
N THR A 14 3.95 26.94 -9.83
CA THR A 14 3.67 26.43 -8.50
C THR A 14 4.78 26.82 -7.53
N GLY A 15 6.04 26.65 -7.95
CA GLY A 15 7.13 27.07 -7.09
C GLY A 15 7.11 28.56 -6.80
N ILE A 16 6.81 29.35 -7.82
CA ILE A 16 6.75 30.81 -7.63
C ILE A 16 5.63 31.19 -6.68
N ALA A 17 4.47 30.52 -6.78
CA ALA A 17 3.35 30.86 -5.92
C ALA A 17 3.65 30.58 -4.46
N ILE A 18 4.31 29.45 -4.17
CA ILE A 18 4.55 29.16 -2.76
C ILE A 18 5.68 30.03 -2.23
N ALA A 19 6.67 30.36 -3.05
CA ALA A 19 7.72 31.28 -2.60
C ALA A 19 7.14 32.65 -2.27
N LYS A 20 6.23 33.14 -3.12
CA LYS A 20 5.55 34.41 -2.86
C LYS A 20 4.77 34.35 -1.56
N ALA A 21 3.96 33.31 -1.38
CA ALA A 21 3.17 33.20 -0.15
C ALA A 21 4.07 33.16 1.08
N PHE A 22 5.18 32.41 1.01
CA PHE A 22 6.10 32.34 2.13
C PHE A 22 6.68 33.72 2.46
N GLN A 23 7.10 34.46 1.44
CA GLN A 23 7.66 35.78 1.70
C GLN A 23 6.63 36.71 2.31
N ASP A 24 5.39 36.64 1.82
CA ASP A 24 4.32 37.46 2.38
C ASP A 24 4.12 37.20 3.86
N LYS A 25 4.20 35.93 4.27
CA LYS A 25 3.96 35.59 5.67
C LYS A 25 5.13 35.97 6.57
N THR A 26 6.36 35.80 6.08
CA THR A 26 7.54 35.86 6.93
C THR A 26 8.50 37.01 6.61
N GLY A 27 8.40 37.63 5.44
CA GLY A 27 9.41 38.57 5.02
C GLY A 27 10.71 37.95 4.53
N ILE A 28 10.83 36.62 4.56
CA ILE A 28 12.05 35.97 4.08
C ILE A 28 11.97 35.86 2.56
N GLN A 29 12.97 36.42 1.87
CA GLN A 29 13.06 36.31 0.42
C GLN A 29 13.47 34.89 0.02
N VAL A 30 12.88 34.41 -1.08
CA VAL A 30 13.19 33.09 -1.62
C VAL A 30 13.74 33.27 -3.03
N LYS A 31 14.88 32.67 -3.30
CA LYS A 31 15.48 32.65 -4.63
C LYS A 31 15.28 31.25 -5.22
N ILE A 32 14.77 31.18 -6.46
CA ILE A 32 14.35 29.91 -7.05
C ILE A 32 15.31 29.50 -8.15
N ARG A 33 15.79 28.26 -8.08
CA ARG A 33 16.43 27.59 -9.20
C ARG A 33 15.48 26.49 -9.67
N LYS A 34 14.97 26.62 -10.88
CA LYS A 34 13.99 25.67 -11.40
C LYS A 34 14.69 24.65 -12.30
N GLY A 35 14.37 23.37 -12.11
CA GLY A 35 14.90 22.36 -13.00
C GLY A 35 14.06 21.11 -12.95
N GLY A 36 14.58 20.04 -13.54
CA GLY A 36 13.95 18.75 -13.41
C GLY A 36 14.27 18.12 -12.07
N ASP A 37 13.34 17.28 -11.58
CA ASP A 37 13.52 16.55 -10.32
C ASP A 37 14.91 15.93 -10.22
N GLY A 38 15.21 15.01 -11.14
CA GLY A 38 16.47 14.28 -11.07
C GLY A 38 17.66 15.18 -11.30
N GLN A 39 17.54 16.11 -12.24
CA GLN A 39 18.62 17.07 -12.48
C GLN A 39 19.00 17.81 -11.20
N LEU A 40 18.00 18.28 -10.45
CA LEU A 40 18.29 19.05 -9.23
C LEU A 40 18.87 18.16 -8.16
N ALA A 41 18.38 16.92 -8.05
CA ALA A 41 18.96 15.98 -7.10
C ALA A 41 20.41 15.69 -7.44
N SER A 42 20.71 15.54 -8.74
CA SER A 42 22.10 15.32 -9.17
C SER A 42 22.96 16.54 -8.90
N GLN A 43 22.41 17.73 -9.15
CA GLN A 43 23.16 18.96 -8.92
C GLN A 43 23.50 19.13 -7.44
N ILE A 44 22.50 18.91 -6.56
CA ILE A 44 22.74 18.97 -5.13
C ILE A 44 23.87 18.03 -4.72
N THR A 45 23.81 16.79 -5.20
CA THR A 45 24.84 15.79 -4.90
C THR A 45 26.23 16.27 -5.33
N GLU A 46 26.34 16.79 -6.55
CA GLU A 46 27.67 17.21 -7.03
C GLU A 46 28.15 18.50 -6.38
N GLU A 47 27.22 19.39 -5.98
CA GLU A 47 27.63 20.62 -5.31
C GLU A 47 28.22 20.36 -3.93
N GLY A 48 27.89 19.23 -3.33
CA GLY A 48 28.49 18.85 -2.08
C GLY A 48 28.19 19.85 -0.98
N ALA A 49 29.14 19.94 -0.04
CA ALA A 49 28.93 20.65 1.20
C ALA A 49 28.60 22.12 1.00
N ARG A 50 28.99 22.71 -0.14
CA ARG A 50 28.76 24.13 -0.39
C ARG A 50 27.59 24.37 -1.33
N SER A 51 26.71 23.39 -1.50
CA SER A 51 25.46 23.63 -2.20
C SER A 51 24.71 24.78 -1.56
N PRO A 52 24.17 25.72 -2.35
CA PRO A 52 23.32 26.77 -1.77
C PRO A 52 21.88 26.34 -1.49
N ALA A 53 21.47 25.13 -1.86
CA ALA A 53 20.08 24.74 -1.71
C ALA A 53 19.72 24.61 -0.22
N ASP A 54 18.61 25.24 0.15
CA ASP A 54 18.02 25.11 1.48
C ASP A 54 16.87 24.11 1.49
N VAL A 55 16.00 24.18 0.48
CA VAL A 55 14.85 23.32 0.35
C VAL A 55 14.82 22.77 -1.09
N LEU A 56 14.46 21.51 -1.23
CA LEU A 56 14.23 20.89 -2.52
C LEU A 56 12.77 20.49 -2.58
N TYR A 57 12.12 20.81 -3.69
CA TYR A 57 10.70 20.60 -3.91
C TYR A 57 10.58 19.87 -5.25
N THR A 58 9.99 18.68 -5.25
CA THR A 58 9.98 17.82 -6.43
C THR A 58 8.55 17.50 -6.85
N GLU A 59 8.38 17.15 -8.13
CA GLU A 59 7.08 16.67 -8.57
C GLU A 59 6.80 15.24 -8.10
N GLU A 60 7.85 14.44 -7.90
CA GLU A 60 7.71 13.02 -7.60
C GLU A 60 8.63 12.63 -6.46
N SER A 61 8.37 11.46 -5.88
CA SER A 61 9.08 11.05 -4.68
C SER A 61 10.39 10.25 -4.89
N PRO A 62 10.63 9.54 -6.00
CA PRO A 62 11.92 8.79 -6.13
C PRO A 62 13.16 9.66 -5.92
N PRO A 63 13.23 10.89 -6.45
CA PRO A 63 14.42 11.71 -6.17
C PRO A 63 14.63 12.00 -4.69
N LEU A 64 13.56 12.16 -3.91
CA LEU A 64 13.70 12.40 -2.48
C LEU A 64 14.13 11.14 -1.75
N ILE A 65 13.60 9.99 -2.16
CA ILE A 65 14.08 8.72 -1.61
C ILE A 65 15.55 8.54 -1.90
N ARG A 66 15.98 8.88 -3.12
CA ARG A 66 17.40 8.76 -3.46
C ARG A 66 18.23 9.62 -2.52
N LEU A 67 17.88 10.91 -2.39
CA LEU A 67 18.67 11.82 -1.58
C LEU A 67 18.59 11.48 -0.09
N ALA A 68 17.44 11.00 0.38
CA ALA A 68 17.37 10.59 1.79
C ALA A 68 18.26 9.40 2.04
N SER A 69 18.32 8.46 1.09
CA SER A 69 19.16 7.28 1.22
C SER A 69 20.62 7.62 1.13
N ALA A 70 20.97 8.64 0.34
CA ALA A 70 22.34 9.09 0.23
C ALA A 70 22.82 9.88 1.44
N GLY A 71 21.92 10.27 2.35
CA GLY A 71 22.30 10.96 3.56
C GLY A 71 22.34 12.47 3.48
N LEU A 72 21.66 13.07 2.52
CA LEU A 72 21.76 14.51 2.30
C LEU A 72 20.63 15.31 2.92
N LEU A 73 19.56 14.68 3.40
CA LEU A 73 18.35 15.39 3.83
C LEU A 73 18.28 15.48 5.34
N ALA A 74 17.95 16.66 5.84
CA ALA A 74 17.79 16.87 7.26
C ALA A 74 16.47 16.29 7.75
N LYS A 75 16.46 15.83 8.99
CA LYS A 75 15.23 15.37 9.62
C LYS A 75 14.27 16.55 9.79
N LEU A 76 12.99 16.30 9.51
CA LEU A 76 11.97 17.34 9.63
C LEU A 76 11.43 17.38 11.05
N GLU A 77 11.05 18.58 11.49
CA GLU A 77 10.51 18.75 12.82
C GLU A 77 9.28 17.86 12.99
N PRO A 78 9.11 17.22 14.16
CA PRO A 78 7.98 16.31 14.34
C PRO A 78 6.63 16.96 14.15
N GLU A 79 6.50 18.25 14.47
CA GLU A 79 5.22 18.91 14.23
C GLU A 79 4.92 19.05 12.75
N THR A 80 5.96 19.18 11.89
CA THR A 80 5.74 19.17 10.45
C THR A 80 5.27 17.81 9.97
N LEU A 81 5.96 16.74 10.39
CA LEU A 81 5.60 15.38 9.99
C LEU A 81 4.18 15.02 10.40
N ALA A 82 3.67 15.57 11.51
CA ALA A 82 2.31 15.24 11.94
C ALA A 82 1.25 15.83 11.03
N LEU A 83 1.63 16.68 10.07
CA LEU A 83 0.62 17.31 9.23
C LEU A 83 0.12 16.41 8.10
N VAL A 84 0.77 15.28 7.85
CA VAL A 84 0.40 14.39 6.74
C VAL A 84 0.25 12.96 7.27
N GLU A 85 -0.41 12.12 6.49
CA GLU A 85 -0.46 10.70 6.83
C GLU A 85 0.93 10.08 6.73
N PRO A 86 1.24 9.08 7.56
CA PRO A 86 2.61 8.56 7.61
C PRO A 86 3.11 7.98 6.30
N GLU A 87 2.21 7.40 5.50
CA GLU A 87 2.60 6.90 4.19
C GLU A 87 2.97 8.02 3.22
N HIS A 88 2.70 9.28 3.55
CA HIS A 88 3.02 10.42 2.69
C HIS A 88 4.25 11.18 3.17
N ALA A 89 5.08 10.54 3.99
CA ALA A 89 6.35 11.11 4.40
C ALA A 89 7.43 10.04 4.33
N GLY A 90 8.68 10.48 4.34
CA GLY A 90 9.79 9.55 4.28
C GLY A 90 9.86 8.71 5.53
N GLY A 91 10.35 7.47 5.35
CA GLY A 91 10.40 6.54 6.47
C GLY A 91 11.25 7.02 7.61
N ASN A 92 12.31 7.78 7.31
CA ASN A 92 13.18 8.37 8.31
C ASN A 92 12.81 9.83 8.61
N GLY A 93 11.64 10.29 8.18
CA GLY A 93 11.19 11.64 8.46
C GLY A 93 12.03 12.74 7.84
N ASP A 94 12.74 12.47 6.74
CA ASP A 94 13.59 13.49 6.14
C ASP A 94 13.09 14.00 4.80
N TRP A 95 11.85 13.70 4.44
CA TRP A 95 11.15 14.41 3.37
C TRP A 95 9.67 14.20 3.61
N ILE A 96 8.84 15.06 3.00
CA ILE A 96 7.41 14.99 3.27
C ILE A 96 6.62 15.28 2.00
N GLY A 97 5.50 14.59 1.84
CA GLY A 97 4.63 14.87 0.72
C GLY A 97 3.94 16.20 0.89
N ILE A 98 3.75 16.90 -0.23
CA ILE A 98 3.11 18.21 -0.27
C ILE A 98 1.76 18.16 -0.98
N THR A 99 1.74 17.64 -2.20
CA THR A 99 0.49 17.36 -2.89
C THR A 99 0.60 16.00 -3.55
N ALA A 100 -0.53 15.45 -3.96
CA ALA A 100 -0.55 14.23 -4.75
C ALA A 100 -1.15 14.52 -6.12
N ARG A 101 -0.64 13.85 -7.14
CA ARG A 101 -1.22 13.90 -8.48
C ARG A 101 -1.57 12.47 -8.87
N THR A 102 -2.28 12.31 -9.98
CA THR A 102 -2.72 10.98 -10.36
C THR A 102 -2.57 10.79 -11.86
N ARG A 103 -2.31 9.54 -12.24
CA ARG A 103 -2.23 9.20 -13.65
C ARG A 103 -3.62 9.18 -14.24
N VAL A 104 -3.74 9.62 -15.50
CA VAL A 104 -5.00 9.64 -16.22
C VAL A 104 -4.75 9.29 -17.68
N LEU A 105 -5.85 9.00 -18.37
CA LEU A 105 -5.83 8.79 -19.81
C LEU A 105 -6.60 9.93 -20.44
N ALA A 106 -5.90 10.92 -20.97
CA ALA A 106 -6.61 11.98 -21.67
C ALA A 106 -7.02 11.45 -23.04
N TYR A 107 -8.21 11.82 -23.49
CA TYR A 107 -8.62 11.36 -24.81
C TYR A 107 -9.44 12.43 -25.50
N ASN A 108 -9.55 12.31 -26.83
CA ASN A 108 -10.33 13.23 -27.65
C ASN A 108 -11.56 12.48 -28.12
N PRO A 109 -12.76 12.82 -27.63
CA PRO A 109 -13.95 12.02 -27.96
C PRO A 109 -14.37 12.15 -29.41
N LYS A 110 -13.81 13.09 -30.16
CA LYS A 110 -14.05 13.10 -31.60
C LYS A 110 -13.24 12.02 -32.30
N LYS A 111 -12.16 11.55 -31.66
CA LYS A 111 -11.30 10.51 -32.24
C LYS A 111 -11.54 9.13 -31.63
N ILE A 112 -12.09 9.04 -30.41
CA ILE A 112 -12.37 7.75 -29.76
C ILE A 112 -13.50 7.93 -28.76
N ASP A 113 -14.53 7.09 -28.85
CA ASP A 113 -15.61 7.12 -27.87
C ASP A 113 -15.12 6.65 -26.51
N GLU A 114 -15.70 7.25 -25.46
CA GLU A 114 -15.41 6.80 -24.10
C GLU A 114 -15.64 5.31 -23.94
N LYS A 115 -16.73 4.80 -24.52
CA LYS A 115 -17.07 3.38 -24.40
C LYS A 115 -16.00 2.50 -24.99
N ASP A 116 -15.13 3.03 -25.85
CA ASP A 116 -14.15 2.22 -26.55
C ASP A 116 -12.75 2.37 -25.97
N LEU A 117 -12.61 3.08 -24.86
CA LEU A 117 -11.30 3.28 -24.29
C LEU A 117 -10.78 1.96 -23.72
N PRO A 118 -9.45 1.79 -23.64
CA PRO A 118 -8.92 0.59 -23.00
C PRO A 118 -9.46 0.45 -21.59
N LYS A 119 -9.73 -0.79 -21.19
CA LYS A 119 -10.22 -1.03 -19.85
C LYS A 119 -9.11 -0.89 -18.82
N SER A 120 -7.86 -1.13 -19.20
CA SER A 120 -6.75 -1.13 -18.27
C SER A 120 -5.53 -0.51 -18.93
N LEU A 121 -4.65 0.06 -18.11
CA LEU A 121 -3.33 0.43 -18.59
C LEU A 121 -2.67 -0.72 -19.33
N MET A 122 -2.89 -1.96 -18.85
CA MET A 122 -2.16 -3.11 -19.40
C MET A 122 -2.59 -3.43 -20.82
N ASP A 123 -3.78 -2.99 -21.24
CA ASP A 123 -4.26 -3.22 -22.59
C ASP A 123 -3.50 -2.44 -23.66
N LEU A 124 -2.76 -1.39 -23.29
CA LEU A 124 -2.14 -0.54 -24.30
C LEU A 124 -0.95 -1.19 -24.99
N SER A 125 -0.46 -2.33 -24.50
CA SER A 125 0.56 -3.08 -25.21
C SER A 125 0.00 -3.91 -26.36
N ASP A 126 -1.32 -3.92 -26.52
CA ASP A 126 -2.01 -4.71 -27.55
C ASP A 126 -1.94 -3.99 -28.90
N PRO A 127 -1.69 -4.74 -29.98
CA PRO A 127 -1.55 -4.09 -31.31
C PRO A 127 -2.74 -3.24 -31.75
N SER A 128 -3.94 -3.48 -31.21
CA SER A 128 -5.09 -2.70 -31.61
C SER A 128 -4.95 -1.21 -31.27
N TRP A 129 -4.09 -0.84 -30.30
CA TRP A 129 -3.89 0.58 -29.97
C TRP A 129 -2.73 1.22 -30.74
N SER A 130 -2.09 0.48 -31.64
CA SER A 130 -0.98 1.02 -32.42
C SER A 130 -1.37 2.33 -33.09
N GLY A 131 -0.54 3.35 -32.90
CA GLY A 131 -0.80 4.64 -33.50
C GLY A 131 -1.85 5.49 -32.80
N ARG A 132 -2.48 5.00 -31.74
CA ARG A 132 -3.62 5.69 -31.16
C ARG A 132 -3.33 6.39 -29.84
N PHE A 133 -2.11 6.31 -29.31
CA PHE A 133 -1.91 6.95 -28.01
C PHE A 133 -0.48 7.44 -27.87
N GLY A 134 -0.35 8.49 -27.07
CA GLY A 134 0.94 9.02 -26.72
C GLY A 134 1.33 8.76 -25.29
N PHE A 135 2.62 8.88 -25.02
CA PHE A 135 3.15 8.75 -23.66
C PHE A 135 4.47 9.48 -23.64
N VAL A 136 4.98 9.68 -22.43
CA VAL A 136 6.12 10.57 -22.21
C VAL A 136 7.21 9.78 -21.49
N PRO A 137 8.11 9.12 -22.21
CA PRO A 137 9.03 8.18 -21.54
C PRO A 137 10.07 8.86 -20.67
N THR A 138 10.31 10.17 -20.82
CA THR A 138 11.26 10.89 -19.97
C THR A 138 10.60 11.49 -18.73
N SER A 139 9.30 11.29 -18.55
CA SER A 139 8.57 11.91 -17.46
C SER A 139 8.84 11.19 -16.15
N GLY A 140 8.94 11.96 -15.07
CA GLY A 140 9.14 11.36 -13.76
C GLY A 140 7.95 10.52 -13.33
N ALA A 141 6.73 10.99 -13.62
CA ALA A 141 5.58 10.17 -13.26
C ALA A 141 5.46 8.94 -14.14
N PHE A 142 5.98 8.99 -15.37
CA PHE A 142 5.98 7.76 -16.17
C PHE A 142 6.93 6.74 -15.59
N LEU A 143 8.13 7.17 -15.15
CA LEU A 143 9.02 6.28 -14.41
C LEU A 143 8.29 5.60 -13.25
N GLU A 144 7.56 6.38 -12.46
CA GLU A 144 6.83 5.79 -11.35
C GLU A 144 5.79 4.81 -11.85
N GLN A 145 5.16 5.15 -12.97
CA GLN A 145 4.18 4.25 -13.57
C GLN A 145 4.81 2.92 -13.93
N VAL A 146 6.01 2.95 -14.53
CA VAL A 146 6.68 1.69 -14.86
C VAL A 146 7.02 0.93 -13.57
N ALA A 147 7.47 1.66 -12.55
CA ALA A 147 7.75 1.02 -11.26
C ALA A 147 6.51 0.35 -10.69
N ALA A 148 5.35 1.01 -10.82
CA ALA A 148 4.09 0.43 -10.36
C ALA A 148 3.74 -0.86 -11.11
N VAL A 149 3.93 -0.87 -12.43
CA VAL A 149 3.63 -2.08 -13.20
C VAL A 149 4.55 -3.21 -12.76
N ILE A 150 5.83 -2.92 -12.53
CA ILE A 150 6.74 -3.95 -12.04
C ILE A 150 6.25 -4.51 -10.71
N LYS A 151 5.86 -3.63 -9.79
CA LYS A 151 5.44 -4.10 -8.47
C LYS A 151 4.14 -4.90 -8.54
N LEU A 152 3.23 -4.49 -9.40
CA LEU A 152 1.90 -5.09 -9.41
C LEU A 152 1.79 -6.31 -10.32
N LYS A 153 2.61 -6.36 -11.36
CA LYS A 153 2.52 -7.41 -12.38
C LYS A 153 3.79 -8.24 -12.50
N GLY A 154 4.88 -7.83 -11.88
CA GLY A 154 6.15 -8.53 -12.02
C GLY A 154 6.98 -7.96 -13.15
N GLN A 155 8.29 -8.18 -13.05
CA GLN A 155 9.23 -7.62 -14.03
C GLN A 155 8.99 -8.20 -15.42
N GLU A 156 8.64 -9.48 -15.52
CA GLU A 156 8.48 -10.10 -16.83
C GLU A 156 7.29 -9.51 -17.57
N GLU A 157 6.14 -9.38 -16.88
CA GLU A 157 5.00 -8.76 -17.52
C GLU A 157 5.24 -7.27 -17.78
N ALA A 158 5.96 -6.60 -16.89
CA ALA A 158 6.22 -5.18 -17.10
C ALA A 158 7.08 -4.95 -18.35
N GLU A 159 8.04 -5.84 -18.58
CA GLU A 159 8.90 -5.71 -19.76
C GLU A 159 8.11 -5.98 -21.05
N ASP A 160 7.25 -7.00 -21.03
CA ASP A 160 6.36 -7.21 -22.17
C ASP A 160 5.44 -6.02 -22.41
N TRP A 161 4.91 -5.43 -21.33
CA TRP A 161 4.06 -4.26 -21.47
C TRP A 161 4.84 -3.09 -22.08
N LEU A 162 6.02 -2.79 -21.52
CA LEU A 162 6.78 -1.64 -22.02
C LEU A 162 7.26 -1.86 -23.45
N THR A 163 7.53 -3.11 -23.84
CA THR A 163 7.86 -3.41 -25.23
C THR A 163 6.69 -3.05 -26.14
N GLY A 164 5.47 -3.38 -25.73
CA GLY A 164 4.29 -3.00 -26.48
C GLY A 164 4.13 -1.50 -26.61
N LEU A 165 4.39 -0.76 -25.52
CA LEU A 165 4.31 0.69 -25.58
C LEU A 165 5.33 1.26 -26.55
N LYS A 166 6.55 0.70 -26.57
CA LYS A 166 7.56 1.16 -27.53
C LYS A 166 7.11 0.88 -28.97
N ALA A 167 6.47 -0.26 -29.19
CA ALA A 167 6.09 -0.65 -30.55
C ALA A 167 4.90 0.16 -31.07
N PHE A 168 3.96 0.51 -30.18
CA PHE A 168 2.65 1.01 -30.57
C PHE A 168 2.34 2.42 -30.09
N GLY A 169 3.06 2.93 -29.09
CA GLY A 169 2.79 4.26 -28.61
C GLY A 169 3.62 5.32 -29.32
N SER A 170 3.13 6.55 -29.30
CA SER A 170 3.86 7.68 -29.85
C SER A 170 4.52 8.47 -28.72
N ILE A 171 5.78 8.83 -28.93
CA ILE A 171 6.61 9.41 -27.87
C ILE A 171 6.47 10.92 -27.91
N TYR A 172 6.21 11.52 -26.74
CA TYR A 172 6.17 12.97 -26.60
C TYR A 172 7.23 13.40 -25.60
N THR A 173 7.75 14.62 -25.81
CA THR A 173 8.87 15.08 -25.01
C THR A 173 8.44 15.45 -23.59
N ASN A 174 7.17 15.83 -23.37
CA ASN A 174 6.71 16.17 -22.03
C ASN A 174 5.18 16.08 -22.01
N ASN A 175 4.62 16.13 -20.80
CA ASN A 175 3.17 15.96 -20.66
C ASN A 175 2.41 17.07 -21.36
N VAL A 176 2.99 18.28 -21.41
CA VAL A 176 2.28 19.40 -22.03
C VAL A 176 2.08 19.15 -23.53
N THR A 177 3.13 18.75 -24.25
CA THR A 177 2.96 18.51 -25.68
C THR A 177 2.10 17.28 -25.94
N ALA A 178 2.11 16.30 -25.02
CA ALA A 178 1.22 15.15 -25.18
C ALA A 178 -0.24 15.57 -25.01
N MET A 179 -0.52 16.40 -24.00
CA MET A 179 -1.87 16.92 -23.79
C MET A 179 -2.33 17.74 -25.00
N LYS A 180 -1.45 18.60 -25.51
CA LYS A 180 -1.77 19.42 -26.69
C LYS A 180 -2.12 18.54 -27.89
N ALA A 181 -1.35 17.47 -28.11
CA ALA A 181 -1.62 16.57 -29.23
C ALA A 181 -2.99 15.93 -29.12
N VAL A 182 -3.39 15.56 -27.90
CA VAL A 182 -4.75 15.03 -27.72
C VAL A 182 -5.77 16.11 -27.97
N GLU A 183 -5.58 17.28 -27.36
CA GLU A 183 -6.52 18.37 -27.55
C GLU A 183 -6.67 18.74 -29.02
N ASN A 184 -5.58 18.68 -29.80
CA ASN A 184 -5.58 19.06 -31.20
C ASN A 184 -5.87 17.90 -32.14
N GLY A 185 -6.21 16.73 -31.59
CA GLY A 185 -6.54 15.58 -32.43
C GLY A 185 -5.37 14.96 -33.16
N GLU A 186 -4.14 15.37 -32.83
CA GLU A 186 -2.95 14.77 -33.43
C GLU A 186 -2.76 13.32 -32.97
N VAL A 187 -3.25 12.96 -31.78
CA VAL A 187 -3.26 11.58 -31.31
C VAL A 187 -4.56 11.39 -30.52
N ASP A 188 -5.08 10.16 -30.51
CA ASP A 188 -6.43 9.95 -29.95
C ASP A 188 -6.43 10.06 -28.42
N MET A 189 -5.35 9.67 -27.77
CA MET A 189 -5.28 9.55 -26.31
C MET A 189 -3.85 9.76 -25.88
N ALA A 190 -3.66 10.05 -24.60
CA ALA A 190 -2.28 10.06 -24.07
C ALA A 190 -2.29 9.84 -22.57
N LEU A 191 -1.23 9.18 -22.09
CA LEU A 191 -1.00 8.96 -20.67
C LEU A 191 -0.27 10.16 -20.08
N ILE A 192 -0.94 10.86 -19.16
CA ILE A 192 -0.36 12.04 -18.54
C ILE A 192 -0.75 12.09 -17.07
N ASN A 193 -0.41 13.18 -16.39
CA ASN A 193 -0.96 13.45 -15.07
C ASN A 193 -2.20 14.35 -15.18
N ASN A 194 -3.02 14.32 -14.12
CA ASN A 194 -4.35 14.94 -14.19
C ASN A 194 -4.28 16.46 -14.28
N TYR A 195 -3.31 17.09 -13.62
CA TYR A 195 -3.35 18.54 -13.48
C TYR A 195 -3.12 19.26 -14.79
N TYR A 196 -2.54 18.59 -15.80
CA TYR A 196 -2.30 19.28 -17.07
C TYR A 196 -3.60 19.62 -17.77
N TRP A 197 -4.62 18.78 -17.61
CA TRP A 197 -5.90 19.04 -18.25
C TRP A 197 -6.61 20.23 -17.61
N TYR A 198 -6.51 20.36 -16.29
CA TYR A 198 -7.14 21.49 -15.62
C TYR A 198 -6.42 22.79 -15.97
N THR A 199 -5.12 22.74 -16.23
CA THR A 199 -4.43 23.94 -16.68
C THR A 199 -4.91 24.37 -18.05
N LEU A 200 -5.03 23.42 -18.98
CA LEU A 200 -5.62 23.70 -20.28
C LEU A 200 -7.04 24.25 -20.15
N LYS A 201 -7.85 23.64 -19.28
CA LYS A 201 -9.24 24.07 -19.13
C LYS A 201 -9.34 25.51 -18.64
N LYS A 202 -8.36 25.96 -17.86
CA LYS A 202 -8.34 27.35 -17.40
C LYS A 202 -7.85 28.29 -18.51
N GLU A 203 -6.77 27.91 -19.20
CA GLU A 203 -6.25 28.75 -20.28
C GLU A 203 -7.26 28.87 -21.42
N LYS A 204 -7.94 27.77 -21.77
CA LYS A 204 -8.70 27.70 -23.01
C LYS A 204 -10.20 27.77 -22.82
N GLY A 205 -10.74 27.25 -21.72
CA GLY A 205 -12.15 27.36 -21.46
C GLY A 205 -12.93 26.10 -21.80
N GLU A 206 -13.25 25.90 -23.07
CA GLU A 206 -14.04 24.76 -23.50
C GLU A 206 -13.15 23.86 -24.36
N LEU A 207 -12.87 22.66 -23.86
CA LEU A 207 -11.88 21.78 -24.41
C LEU A 207 -12.50 20.74 -25.32
N ASN A 208 -11.73 20.33 -26.33
CA ASN A 208 -12.08 19.11 -27.05
C ASN A 208 -11.85 17.88 -26.18
N SER A 209 -10.76 17.87 -25.41
CA SER A 209 -10.31 16.68 -24.76
C SER A 209 -11.05 16.46 -23.44
N ARG A 210 -11.03 15.22 -22.99
CA ARG A 210 -11.63 14.79 -21.73
C ARG A 210 -10.61 13.92 -21.00
N LEU A 211 -10.85 13.70 -19.70
CA LEU A 211 -10.01 12.81 -18.92
C LEU A 211 -10.77 11.54 -18.64
N HIS A 212 -10.07 10.41 -18.78
CA HIS A 212 -10.52 9.11 -18.33
C HIS A 212 -9.67 8.65 -17.16
N TYR A 213 -10.33 8.23 -16.08
CA TYR A 213 -9.68 7.70 -14.88
C TYR A 213 -9.86 6.19 -14.89
N PHE A 214 -8.76 5.44 -14.82
CA PHE A 214 -8.88 3.98 -14.92
C PHE A 214 -9.58 3.41 -13.69
N GLY A 215 -9.37 4.01 -12.51
CA GLY A 215 -9.95 3.52 -11.26
C GLY A 215 -9.66 2.05 -11.06
N ASN A 216 -10.47 1.37 -10.24
CA ASN A 216 -10.44 -0.09 -10.10
C ASN A 216 -9.10 -0.63 -9.60
N GLN A 217 -8.30 0.20 -8.92
CA GLN A 217 -6.95 -0.17 -8.52
C GLN A 217 -6.08 -0.62 -9.69
N ASP A 218 -6.44 -0.21 -10.90
CA ASP A 218 -5.62 -0.48 -12.07
C ASP A 218 -4.23 0.12 -11.87
N PRO A 219 -3.20 -0.49 -12.44
CA PRO A 219 -1.89 0.20 -12.43
C PRO A 219 -1.96 1.61 -12.99
N GLY A 220 -2.82 1.85 -13.97
CA GLY A 220 -2.95 3.16 -14.56
C GLY A 220 -3.67 4.17 -13.69
N ALA A 221 -4.16 3.77 -12.52
CA ALA A 221 -4.79 4.69 -11.59
C ALA A 221 -3.82 5.15 -10.51
N LEU A 222 -2.53 4.93 -10.71
CA LEU A 222 -1.50 5.28 -9.76
C LEU A 222 -1.60 6.73 -9.30
N VAL A 223 -1.42 6.94 -8.00
CA VAL A 223 -1.25 8.27 -7.41
C VAL A 223 0.23 8.42 -7.06
N THR A 224 0.82 9.56 -7.44
CA THR A 224 2.20 9.85 -7.07
C THR A 224 2.24 11.12 -6.24
N VAL A 225 3.29 11.27 -5.43
CA VAL A 225 3.36 12.30 -4.42
C VAL A 225 4.51 13.25 -4.73
N SER A 226 4.20 14.54 -4.79
CA SER A 226 5.19 15.60 -4.89
C SER A 226 5.59 15.98 -3.46
N GLY A 227 6.90 16.11 -3.20
CA GLY A 227 7.39 16.24 -1.85
C GLY A 227 8.42 17.33 -1.70
N ALA A 228 8.80 17.57 -0.44
CA ALA A 228 9.80 18.59 -0.12
C ALA A 228 10.73 18.09 0.97
N ALA A 229 11.91 18.70 1.04
CA ALA A 229 12.92 18.32 2.02
C ALA A 229 13.83 19.51 2.29
N VAL A 230 14.33 19.56 3.51
CA VAL A 230 15.39 20.46 3.92
C VAL A 230 16.74 19.79 3.68
N LEU A 231 17.71 20.54 3.18
CA LEU A 231 19.06 20.01 2.97
C LEU A 231 19.88 20.08 4.26
N LYS A 232 20.58 18.99 4.59
CA LYS A 232 21.51 19.00 5.72
C LYS A 232 22.49 20.16 5.64
N SER A 233 22.91 20.54 4.45
CA SER A 233 23.93 21.57 4.34
C SER A 233 23.37 22.98 4.46
N SER A 234 22.05 23.14 4.68
CA SER A 234 21.47 24.48 4.73
C SER A 234 22.11 25.33 5.82
N LYS A 235 22.47 26.55 5.47
CA LYS A 235 22.94 27.55 6.43
C LYS A 235 21.80 28.26 7.13
N HIS A 236 20.55 27.97 6.77
CA HIS A 236 19.39 28.58 7.41
C HIS A 236 18.42 27.49 7.86
N PRO A 237 18.84 26.61 8.77
CA PRO A 237 18.01 25.43 9.07
C PRO A 237 16.66 25.78 9.67
N ARG A 238 16.56 26.79 10.52
CA ARG A 238 15.25 27.13 11.07
C ARG A 238 14.30 27.62 9.99
N GLU A 239 14.79 28.54 9.14
CA GLU A 239 13.97 29.12 8.09
C GLU A 239 13.57 28.08 7.05
N ALA A 240 14.48 27.15 6.73
CA ALA A 240 14.15 26.08 5.79
C ALA A 240 13.07 25.16 6.36
N GLN A 241 13.17 24.83 7.65
CA GLN A 241 12.10 24.05 8.29
C GLN A 241 10.78 24.83 8.31
N GLN A 242 10.85 26.14 8.53
CA GLN A 242 9.64 26.97 8.47
C GLN A 242 9.03 26.92 7.08
N PHE A 243 9.86 26.92 6.04
CA PHE A 243 9.35 26.91 4.67
C PHE A 243 8.55 25.64 4.40
N VAL A 244 9.15 24.49 4.72
CA VAL A 244 8.44 23.23 4.46
C VAL A 244 7.18 23.15 5.31
N ALA A 245 7.25 23.56 6.58
CA ALA A 245 6.07 23.56 7.42
C ALA A 245 4.99 24.47 6.83
N PHE A 246 5.39 25.61 6.27
CA PHE A 246 4.42 26.53 5.67
C PHE A 246 3.78 25.94 4.42
N MET A 247 4.53 25.13 3.65
CA MET A 247 3.93 24.44 2.50
C MET A 247 2.74 23.58 2.88
N LEU A 248 2.71 23.06 4.10
CA LEU A 248 1.65 22.18 4.56
C LEU A 248 0.64 22.88 5.46
N SER A 249 0.74 24.20 5.60
CA SER A 249 -0.32 24.93 6.26
C SER A 249 -1.47 25.12 5.28
N GLU A 250 -2.66 25.42 5.83
CA GLU A 250 -3.78 25.70 4.96
C GLU A 250 -3.45 26.79 3.94
N GLU A 251 -2.72 27.84 4.35
CA GLU A 251 -2.39 28.91 3.41
C GLU A 251 -1.39 28.46 2.36
N GLY A 252 -0.36 27.71 2.75
CA GLY A 252 0.59 27.23 1.75
C GLY A 252 -0.05 26.25 0.80
N GLN A 253 -0.87 25.33 1.32
CA GLN A 253 -1.56 24.38 0.45
C GLN A 253 -2.45 25.11 -0.55
N LYS A 254 -3.17 26.14 -0.10
CA LYS A 254 -4.01 26.88 -1.03
C LYS A 254 -3.18 27.62 -2.07
N ALA A 255 -2.03 28.15 -1.67
CA ALA A 255 -1.14 28.83 -2.62
C ALA A 255 -0.69 27.87 -3.71
N ILE A 256 -0.29 26.65 -3.32
CA ILE A 256 0.12 25.66 -4.31
C ILE A 256 -1.05 25.26 -5.19
N LEU A 257 -2.22 25.05 -4.58
CA LEU A 257 -3.38 24.65 -5.37
C LEU A 257 -3.83 25.72 -6.34
N SER A 258 -3.54 26.99 -6.06
CA SER A 258 -3.93 28.06 -6.97
C SER A 258 -3.22 27.96 -8.31
N GLN A 259 -2.13 27.20 -8.40
CA GLN A 259 -1.40 27.02 -9.64
C GLN A 259 -1.42 25.59 -10.16
N SER A 260 -1.71 24.61 -9.32
CA SER A 260 -1.72 23.22 -9.79
C SER A 260 -2.95 22.50 -9.24
N ALA A 261 -3.65 21.79 -10.13
CA ALA A 261 -4.83 21.02 -9.76
C ALA A 261 -4.40 19.68 -9.17
N GLU A 262 -3.87 19.73 -7.96
CA GLU A 262 -3.40 18.54 -7.27
C GLU A 262 -4.15 18.36 -5.96
N TYR A 263 -3.87 17.23 -5.28
CA TYR A 263 -4.59 16.93 -4.05
C TYR A 263 -3.74 17.32 -2.85
N PRO A 264 -4.26 18.07 -1.90
CA PRO A 264 -3.46 18.44 -0.73
C PRO A 264 -3.08 17.22 0.12
N MET A 265 -1.84 17.21 0.62
CA MET A 265 -1.40 16.18 1.55
C MET A 265 -1.64 16.55 3.01
N ARG A 266 -1.89 17.82 3.32
CA ARG A 266 -2.30 18.22 4.66
C ARG A 266 -3.60 17.49 5.04
N LYS A 267 -3.56 16.79 6.17
CA LYS A 267 -4.71 15.98 6.58
C LYS A 267 -5.92 16.87 6.80
N GLY A 268 -7.08 16.38 6.38
CA GLY A 268 -8.34 17.07 6.57
C GLY A 268 -8.68 18.15 5.56
N MET A 269 -7.87 18.32 4.51
CA MET A 269 -8.08 19.39 3.54
C MET A 269 -8.57 18.82 2.21
N GLN A 270 -9.54 19.50 1.60
CA GLN A 270 -10.10 19.07 0.33
C GLN A 270 -9.45 19.83 -0.82
N ALA A 271 -9.52 19.23 -2.00
CA ALA A 271 -9.01 19.84 -3.21
C ALA A 271 -10.06 20.77 -3.83
N ASP A 272 -9.62 21.52 -4.84
CA ASP A 272 -10.46 22.32 -5.72
C ASP A 272 -11.69 21.50 -6.09
N PRO A 273 -12.87 22.12 -6.18
CA PRO A 273 -14.08 21.33 -6.49
C PRO A 273 -14.08 20.71 -7.87
N ALA A 274 -13.32 21.26 -8.82
CA ALA A 274 -13.29 20.71 -10.17
C ALA A 274 -12.62 19.33 -10.22
N LEU A 275 -11.85 18.96 -9.20
CA LEU A 275 -11.13 17.70 -9.27
C LEU A 275 -12.04 16.53 -8.89
N LYS A 276 -11.88 15.42 -9.59
CA LYS A 276 -12.44 14.16 -9.12
C LYS A 276 -11.97 13.94 -7.68
N PRO A 277 -12.87 13.65 -6.74
CA PRO A 277 -12.44 13.56 -5.34
C PRO A 277 -11.46 12.40 -5.13
N PHE A 278 -10.54 12.62 -4.20
CA PHE A 278 -9.48 11.64 -3.96
C PHE A 278 -10.07 10.28 -3.63
N ALA A 279 -11.16 10.26 -2.86
CA ALA A 279 -11.76 9.01 -2.42
C ALA A 279 -12.25 8.17 -3.59
N GLU A 280 -12.55 8.80 -4.73
CA GLU A 280 -13.08 8.08 -5.88
C GLU A 280 -12.01 7.69 -6.90
N LEU A 281 -10.74 8.00 -6.65
CA LEU A 281 -9.72 7.60 -7.62
C LEU A 281 -9.51 6.09 -7.65
N ASP A 282 -9.82 5.41 -6.54
CA ASP A 282 -9.58 3.97 -6.39
C ASP A 282 -8.19 3.54 -6.86
N PRO A 283 -7.13 4.14 -6.33
CA PRO A 283 -5.79 3.88 -6.87
C PRO A 283 -5.26 2.53 -6.41
N PRO A 284 -4.28 1.97 -7.11
CA PRO A 284 -3.63 0.75 -6.61
C PRO A 284 -2.98 1.06 -5.27
N LYS A 285 -2.85 0.04 -4.44
CA LYS A 285 -2.39 0.19 -3.06
C LYS A 285 -0.86 0.24 -3.02
N LEU A 286 -0.33 1.34 -3.55
CA LEU A 286 1.11 1.59 -3.61
C LEU A 286 1.41 2.94 -3.00
N THR A 287 2.37 2.99 -2.08
CA THR A 287 2.86 4.21 -1.45
C THR A 287 4.16 4.67 -2.12
N PRO A 288 4.64 5.87 -1.80
CA PRO A 288 5.99 6.24 -2.24
C PRO A 288 7.07 5.26 -1.80
N ALA A 289 6.95 4.70 -0.59
CA ALA A 289 7.98 3.77 -0.15
C ALA A 289 8.00 2.50 -1.00
N ASP A 290 6.84 2.09 -1.54
CA ASP A 290 6.78 0.90 -2.39
C ASP A 290 7.52 1.11 -3.70
N LEU A 291 7.39 2.29 -4.28
CA LEU A 291 8.10 2.56 -5.53
C LEU A 291 9.57 2.88 -5.28
N GLY A 292 9.89 3.38 -4.09
CA GLY A 292 11.28 3.62 -3.74
C GLY A 292 11.96 4.56 -4.70
N GLU A 293 13.20 4.22 -5.05
CA GLU A 293 13.97 5.00 -6.01
C GLU A 293 13.59 4.70 -7.45
N ALA A 294 12.70 3.74 -7.69
CA ALA A 294 12.28 3.34 -9.03
C ALA A 294 13.45 2.80 -9.85
N SER A 295 14.37 2.09 -9.19
CA SER A 295 15.59 1.63 -9.85
C SER A 295 15.30 0.54 -10.87
N GLU A 296 14.44 -0.42 -10.50
CA GLU A 296 14.08 -1.46 -11.44
C GLU A 296 13.40 -0.87 -12.66
N ALA A 297 12.64 0.22 -12.48
CA ALA A 297 11.94 0.83 -13.61
C ALA A 297 12.90 1.57 -14.52
N LEU A 298 13.88 2.28 -13.93
CA LEU A 298 14.87 2.93 -14.79
C LEU A 298 15.69 1.89 -15.54
N SER A 299 16.08 0.81 -14.86
CA SER A 299 16.79 -0.27 -15.53
C SER A 299 15.97 -0.80 -16.72
N LEU A 300 14.67 -0.96 -16.53
CA LEU A 300 13.83 -1.47 -17.61
C LEU A 300 13.70 -0.46 -18.75
N GLU A 301 13.49 0.83 -18.41
CA GLU A 301 13.40 1.84 -19.46
C GLU A 301 14.68 1.86 -20.29
N ARG A 302 15.83 1.77 -19.62
CA ARG A 302 17.11 1.76 -20.33
C ARG A 302 17.24 0.49 -21.19
N ASP A 303 16.84 -0.67 -20.65
CA ASP A 303 16.85 -1.92 -21.41
C ASP A 303 16.07 -1.78 -22.72
N VAL A 304 14.87 -1.22 -22.64
CA VAL A 304 13.98 -1.12 -23.79
C VAL A 304 14.34 0.03 -24.71
N GLY A 305 15.28 0.88 -24.30
CA GLY A 305 15.71 2.01 -25.11
C GLY A 305 14.74 3.17 -25.15
N LEU A 306 14.00 3.40 -24.06
CA LEU A 306 13.01 4.48 -24.03
C LEU A 306 13.47 5.72 -23.28
N ASN A 307 14.36 5.57 -22.30
CA ASN A 307 14.78 6.76 -21.56
C ASN A 307 16.22 6.61 -21.11
N PRO B 1 -8.78 -15.16 -23.25
CA PRO B 1 -9.15 -13.78 -22.88
C PRO B 1 -9.99 -13.73 -21.60
N VAL B 2 -9.78 -14.69 -20.70
CA VAL B 2 -10.50 -14.71 -19.42
C VAL B 2 -9.69 -13.96 -18.38
N THR B 3 -10.34 -13.03 -17.69
CA THR B 3 -9.73 -12.30 -16.59
C THR B 3 -10.47 -12.65 -15.31
N LEU B 4 -9.73 -13.09 -14.30
CA LEU B 4 -10.31 -13.32 -12.97
C LEU B 4 -10.11 -12.08 -12.12
N THR B 5 -11.06 -11.84 -11.23
CA THR B 5 -10.93 -10.76 -10.26
C THR B 5 -10.72 -11.34 -8.86
N LEU B 6 -9.57 -11.04 -8.26
CA LEU B 6 -9.23 -11.49 -6.92
C LEU B 6 -9.46 -10.35 -5.93
N TYR B 7 -10.36 -10.55 -4.97
CA TYR B 7 -10.49 -9.64 -3.84
C TYR B 7 -9.49 -10.11 -2.81
N ASN B 8 -8.44 -9.31 -2.59
CA ASN B 8 -7.31 -9.72 -1.78
C ASN B 8 -7.37 -9.05 -0.41
N GLY B 9 -7.78 -9.81 0.60
CA GLY B 9 -7.65 -9.37 1.97
C GLY B 9 -6.28 -9.66 2.58
N GLN B 10 -5.51 -10.57 1.97
CA GLN B 10 -4.15 -10.84 2.41
C GLN B 10 -3.27 -9.62 2.13
N HIS B 11 -2.06 -9.65 2.69
CA HIS B 11 -1.11 -8.57 2.44
C HIS B 11 -0.82 -8.43 0.95
N ALA B 12 -0.62 -7.18 0.52
CA ALA B 12 -0.67 -6.85 -0.90
C ALA B 12 0.34 -7.67 -1.69
N ALA B 13 1.58 -7.75 -1.19
CA ALA B 13 2.62 -8.45 -1.93
C ALA B 13 2.32 -9.93 -2.05
N THR B 14 1.61 -10.48 -1.06
CA THR B 14 1.24 -11.89 -1.09
C THR B 14 0.19 -12.16 -2.16
N GLY B 15 -0.86 -11.34 -2.23
CA GLY B 15 -1.84 -11.52 -3.29
C GLY B 15 -1.24 -11.32 -4.67
N ILE B 16 -0.30 -10.38 -4.79
CA ILE B 16 0.35 -10.14 -6.08
C ILE B 16 1.16 -11.36 -6.50
N ALA B 17 1.87 -12.00 -5.57
CA ALA B 17 2.72 -13.12 -5.95
C ALA B 17 1.91 -14.32 -6.42
N ILE B 18 0.79 -14.61 -5.74
CA ILE B 18 -0.01 -15.77 -6.15
C ILE B 18 -0.71 -15.47 -7.48
N ALA B 19 -1.14 -14.21 -7.69
CA ALA B 19 -1.77 -13.85 -8.96
C ALA B 19 -0.78 -13.99 -10.11
N LYS B 20 0.44 -13.47 -9.93
CA LYS B 20 1.44 -13.58 -10.98
C LYS B 20 1.75 -15.04 -11.29
N ALA B 21 1.89 -15.86 -10.25
CA ALA B 21 2.22 -17.27 -10.45
C ALA B 21 1.11 -17.99 -11.19
N PHE B 22 -0.15 -17.67 -10.87
CA PHE B 22 -1.27 -18.31 -11.54
C PHE B 22 -1.32 -17.91 -13.00
N GLN B 23 -1.17 -16.62 -13.26
CA GLN B 23 -1.15 -16.14 -14.64
C GLN B 23 -0.02 -16.80 -15.43
N ASP B 24 1.16 -16.96 -14.83
CA ASP B 24 2.28 -17.57 -15.52
C ASP B 24 1.98 -19.00 -15.90
N LYS B 25 1.32 -19.75 -15.01
CA LYS B 25 1.09 -21.17 -15.25
C LYS B 25 -0.06 -21.41 -16.21
N THR B 26 -1.08 -20.54 -16.21
CA THR B 26 -2.31 -20.81 -16.94
C THR B 26 -2.59 -19.84 -18.07
N GLY B 27 -1.96 -18.67 -18.10
CA GLY B 27 -2.31 -17.63 -19.03
C GLY B 27 -3.54 -16.83 -18.69
N ILE B 28 -4.27 -17.20 -17.63
CA ILE B 28 -5.44 -16.46 -17.18
C ILE B 28 -4.97 -15.20 -16.45
N GLN B 29 -5.48 -14.04 -16.86
CA GLN B 29 -5.14 -12.78 -16.20
C GLN B 29 -5.87 -12.67 -14.87
N VAL B 30 -5.21 -12.07 -13.88
CA VAL B 30 -5.82 -11.85 -12.57
C VAL B 30 -5.73 -10.37 -12.23
N LYS B 31 -6.88 -9.72 -12.11
CA LYS B 31 -6.95 -8.36 -11.61
C LYS B 31 -7.19 -8.41 -10.11
N ILE B 32 -6.53 -7.55 -9.35
CA ILE B 32 -6.60 -7.60 -7.89
C ILE B 32 -7.26 -6.34 -7.37
N ARG B 33 -8.20 -6.52 -6.44
CA ARG B 33 -8.67 -5.44 -5.57
C ARG B 33 -8.18 -5.76 -4.15
N LYS B 34 -7.25 -4.96 -3.64
CA LYS B 34 -6.71 -5.16 -2.31
C LYS B 34 -7.55 -4.36 -1.30
N GLY B 35 -7.93 -4.99 -0.21
CA GLY B 35 -8.62 -4.31 0.86
C GLY B 35 -8.48 -5.06 2.16
N GLY B 36 -9.21 -4.60 3.17
CA GLY B 36 -9.29 -5.35 4.42
C GLY B 36 -10.25 -6.51 4.29
N ASP B 37 -9.96 -7.59 5.03
CA ASP B 37 -10.80 -8.78 5.06
C ASP B 37 -12.29 -8.44 5.16
N GLY B 38 -12.67 -7.77 6.25
CA GLY B 38 -14.08 -7.48 6.48
C GLY B 38 -14.61 -6.42 5.55
N GLN B 39 -13.76 -5.47 5.16
CA GLN B 39 -14.13 -4.50 4.14
C GLN B 39 -14.54 -5.19 2.84
N LEU B 40 -13.70 -6.09 2.34
CA LEU B 40 -13.99 -6.79 1.08
C LEU B 40 -15.21 -7.68 1.19
N ALA B 41 -15.37 -8.38 2.33
CA ALA B 41 -16.57 -9.19 2.53
C ALA B 41 -17.83 -8.33 2.50
N SER B 42 -17.79 -7.14 3.11
CA SER B 42 -18.92 -6.21 3.05
C SER B 42 -19.16 -5.72 1.63
N GLN B 43 -18.09 -5.39 0.91
CA GLN B 43 -18.23 -4.94 -0.48
C GLN B 43 -18.89 -6.02 -1.32
N ILE B 44 -18.39 -7.25 -1.22
CA ILE B 44 -19.01 -8.38 -1.92
C ILE B 44 -20.50 -8.44 -1.57
N THR B 45 -20.83 -8.34 -0.28
CA THR B 45 -22.23 -8.45 0.14
C THR B 45 -23.08 -7.36 -0.51
N GLU B 46 -22.55 -6.13 -0.55
CA GLU B 46 -23.34 -5.01 -1.05
C GLU B 46 -23.42 -5.01 -2.57
N GLU B 47 -22.35 -5.45 -3.26
CA GLU B 47 -22.37 -5.49 -4.72
C GLU B 47 -23.43 -6.46 -5.23
N GLY B 48 -23.73 -7.50 -4.45
CA GLY B 48 -24.80 -8.41 -4.79
C GLY B 48 -24.46 -9.31 -5.98
N ALA B 49 -25.49 -9.61 -6.75
CA ALA B 49 -25.30 -10.49 -7.89
C ALA B 49 -24.40 -9.88 -8.96
N ARG B 50 -24.19 -8.56 -8.92
CA ARG B 50 -23.35 -7.86 -9.89
C ARG B 50 -21.88 -7.84 -9.50
N SER B 51 -21.48 -8.54 -8.43
CA SER B 51 -20.09 -8.42 -7.97
C SER B 51 -19.15 -8.98 -9.02
N PRO B 52 -18.03 -8.30 -9.33
CA PRO B 52 -17.03 -8.90 -10.21
C PRO B 52 -16.13 -9.90 -9.52
N ALA B 53 -16.23 -10.06 -8.20
CA ALA B 53 -15.32 -10.92 -7.45
C ALA B 53 -15.45 -12.37 -7.90
N ASP B 54 -14.33 -12.98 -8.25
CA ASP B 54 -14.34 -14.42 -8.55
C ASP B 54 -13.82 -15.24 -7.39
N VAL B 55 -12.75 -14.77 -6.74
CA VAL B 55 -12.12 -15.45 -5.61
C VAL B 55 -11.93 -14.41 -4.52
N LEU B 56 -12.15 -14.81 -3.26
CA LEU B 56 -11.84 -14.00 -2.09
C LEU B 56 -10.73 -14.68 -1.29
N TYR B 57 -9.74 -13.90 -0.86
CA TYR B 57 -8.54 -14.38 -0.20
C TYR B 57 -8.37 -13.52 1.05
N THR B 58 -8.41 -14.14 2.22
CA THR B 58 -8.41 -13.35 3.45
C THR B 58 -7.21 -13.71 4.32
N GLU B 59 -6.84 -12.79 5.22
CA GLU B 59 -5.82 -13.08 6.24
C GLU B 59 -6.35 -13.97 7.36
N GLU B 60 -7.66 -13.89 7.64
CA GLU B 60 -8.25 -14.59 8.77
C GLU B 60 -9.53 -15.30 8.34
N SER B 61 -9.95 -16.28 9.16
CA SER B 61 -11.12 -17.08 8.79
C SER B 61 -12.50 -16.49 9.15
N PRO B 62 -12.67 -15.61 10.13
CA PRO B 62 -14.03 -15.12 10.46
C PRO B 62 -14.78 -14.53 9.26
N PRO B 63 -14.15 -13.69 8.41
CA PRO B 63 -14.90 -13.17 7.26
C PRO B 63 -15.37 -14.24 6.30
N LEU B 64 -14.60 -15.31 6.12
CA LEU B 64 -15.02 -16.39 5.23
C LEU B 64 -16.18 -17.17 5.81
N ILE B 65 -16.18 -17.38 7.13
CA ILE B 65 -17.28 -18.10 7.77
C ILE B 65 -18.54 -17.27 7.72
N ARG B 66 -18.42 -15.96 7.85
CA ARG B 66 -19.55 -15.05 7.72
C ARG B 66 -20.18 -15.15 6.32
N LEU B 67 -19.35 -15.06 5.28
CA LEU B 67 -19.85 -15.18 3.92
C LEU B 67 -20.38 -16.57 3.63
N ALA B 68 -19.74 -17.61 4.17
CA ALA B 68 -20.26 -18.95 3.97
C ALA B 68 -21.65 -19.08 4.55
N SER B 69 -21.84 -18.62 5.79
CA SER B 69 -23.14 -18.69 6.44
C SER B 69 -24.17 -17.82 5.74
N ALA B 70 -23.72 -16.72 5.13
CA ALA B 70 -24.59 -15.82 4.39
C ALA B 70 -25.03 -16.39 3.04
N GLY B 71 -24.44 -17.50 2.58
CA GLY B 71 -24.84 -18.13 1.35
C GLY B 71 -24.17 -17.65 0.08
N LEU B 72 -23.01 -17.00 0.18
CA LEU B 72 -22.41 -16.36 -0.98
C LEU B 72 -21.27 -17.15 -1.60
N LEU B 73 -20.78 -18.20 -0.94
CA LEU B 73 -19.60 -18.91 -1.39
C LEU B 73 -19.96 -20.21 -2.08
N ALA B 74 -19.25 -20.52 -3.17
CA ALA B 74 -19.48 -21.74 -3.94
C ALA B 74 -18.83 -22.94 -3.26
N LYS B 75 -19.44 -24.11 -3.41
CA LYS B 75 -18.82 -25.32 -2.89
C LYS B 75 -17.52 -25.59 -3.67
N LEU B 76 -16.44 -25.94 -2.96
CA LEU B 76 -15.19 -26.20 -3.65
C LEU B 76 -15.15 -27.64 -4.15
N GLU B 77 -14.36 -27.87 -5.20
CA GLU B 77 -14.19 -29.21 -5.72
C GLU B 77 -13.67 -30.14 -4.62
N PRO B 78 -14.16 -31.38 -4.55
CA PRO B 78 -13.70 -32.27 -3.47
C PRO B 78 -12.21 -32.57 -3.53
N GLU B 79 -11.61 -32.60 -4.73
CA GLU B 79 -10.17 -32.82 -4.81
C GLU B 79 -9.39 -31.60 -4.30
N THR B 80 -9.99 -30.41 -4.32
CA THR B 80 -9.35 -29.27 -3.66
C THR B 80 -9.46 -29.39 -2.14
N LEU B 81 -10.63 -29.78 -1.64
CA LEU B 81 -10.81 -29.91 -0.20
C LEU B 81 -9.89 -30.98 0.38
N ALA B 82 -9.51 -31.98 -0.42
CA ALA B 82 -8.68 -33.08 0.04
C ALA B 82 -7.23 -32.67 0.27
N LEU B 83 -6.83 -31.48 -0.19
CA LEU B 83 -5.46 -31.02 -0.08
C LEU B 83 -5.09 -30.51 1.32
N VAL B 84 -6.06 -30.28 2.22
CA VAL B 84 -5.77 -29.75 3.55
C VAL B 84 -6.47 -30.62 4.58
N GLU B 85 -6.04 -30.48 5.83
CA GLU B 85 -6.65 -31.23 6.92
C GLU B 85 -8.10 -30.82 7.12
N PRO B 86 -8.94 -31.72 7.65
CA PRO B 86 -10.38 -31.42 7.82
C PRO B 86 -10.66 -30.14 8.58
N GLU B 87 -9.87 -29.84 9.61
CA GLU B 87 -10.10 -28.64 10.41
C GLU B 87 -9.71 -27.35 9.70
N HIS B 88 -9.05 -27.45 8.54
CA HIS B 88 -8.58 -26.27 7.82
C HIS B 88 -9.44 -25.97 6.59
N ALA B 89 -10.68 -26.44 6.57
CA ALA B 89 -11.63 -26.06 5.53
C ALA B 89 -12.99 -25.83 6.17
N GLY B 90 -13.88 -25.16 5.42
CA GLY B 90 -15.21 -24.92 5.93
C GLY B 90 -16.01 -26.22 6.03
N GLY B 91 -16.86 -26.29 7.05
CA GLY B 91 -17.68 -27.49 7.25
C GLY B 91 -18.57 -27.83 6.07
N ASN B 92 -19.04 -26.81 5.35
CA ASN B 92 -19.81 -27.01 4.13
C ASN B 92 -18.93 -27.05 2.88
N GLY B 93 -17.60 -27.09 3.05
CA GLY B 93 -16.70 -27.18 1.91
C GLY B 93 -16.70 -25.96 1.01
N ASP B 94 -17.04 -24.78 1.53
CA ASP B 94 -17.13 -23.60 0.69
C ASP B 94 -16.08 -22.53 1.01
N TRP B 95 -15.04 -22.89 1.78
CA TRP B 95 -13.82 -22.09 1.84
C TRP B 95 -12.73 -23.03 2.34
N ILE B 96 -11.48 -22.64 2.14
CA ILE B 96 -10.37 -23.54 2.44
C ILE B 96 -9.21 -22.73 3.00
N GLY B 97 -8.51 -23.31 3.96
CA GLY B 97 -7.31 -22.66 4.50
C GLY B 97 -6.17 -22.71 3.49
N ILE B 98 -5.36 -21.66 3.47
CA ILE B 98 -4.26 -21.54 2.53
C ILE B 98 -2.91 -21.51 3.25
N THR B 99 -2.77 -20.64 4.25
CA THR B 99 -1.63 -20.65 5.15
C THR B 99 -2.11 -20.41 6.58
N ALA B 100 -1.27 -20.76 7.55
CA ALA B 100 -1.56 -20.42 8.94
C ALA B 100 -0.50 -19.46 9.44
N ARG B 101 -0.90 -18.58 10.35
CA ARG B 101 0.01 -17.66 11.05
C ARG B 101 -0.20 -17.85 12.54
N THR B 102 0.72 -17.32 13.34
CA THR B 102 0.56 -17.50 14.78
C THR B 102 0.78 -16.18 15.51
N ARG B 103 0.11 -16.06 16.65
CA ARG B 103 0.30 -14.91 17.50
C ARG B 103 1.64 -15.02 18.22
N VAL B 104 2.29 -13.88 18.42
CA VAL B 104 3.59 -13.81 19.08
C VAL B 104 3.62 -12.55 19.92
N LEU B 105 4.60 -12.50 20.80
CA LEU B 105 4.95 -11.29 21.54
C LEU B 105 6.29 -10.83 21.00
N ALA B 106 6.29 -9.80 20.18
CA ALA B 106 7.56 -9.21 19.75
C ALA B 106 8.09 -8.35 20.88
N TYR B 107 9.40 -8.39 21.12
CA TYR B 107 9.95 -7.59 22.21
C TYR B 107 11.33 -7.10 21.82
N ASN B 108 11.74 -6.01 22.46
CA ASN B 108 13.06 -5.44 22.23
C ASN B 108 13.94 -5.79 23.42
N PRO B 109 14.94 -6.66 23.25
CA PRO B 109 15.73 -7.08 24.43
C PRO B 109 16.52 -5.95 25.08
N LYS B 110 16.68 -4.80 24.42
CA LYS B 110 17.30 -3.65 25.06
C LYS B 110 16.38 -3.01 26.09
N LYS B 111 15.07 -3.21 25.97
CA LYS B 111 14.09 -2.61 26.86
C LYS B 111 13.48 -3.59 27.83
N ILE B 112 13.51 -4.89 27.54
CA ILE B 112 13.03 -5.88 28.49
C ILE B 112 13.72 -7.21 28.24
N ASP B 113 14.17 -7.86 29.31
CA ASP B 113 14.87 -9.14 29.21
C ASP B 113 13.89 -10.23 28.87
N GLU B 114 14.34 -11.20 28.08
CA GLU B 114 13.48 -12.33 27.75
C GLU B 114 12.97 -13.02 29.02
N LYS B 115 13.83 -13.14 30.04
CA LYS B 115 13.43 -13.78 31.27
C LYS B 115 12.33 -13.04 32.01
N ASP B 116 12.08 -11.78 31.68
CA ASP B 116 11.07 -10.99 32.38
C ASP B 116 9.80 -10.81 31.57
N LEU B 117 9.68 -11.46 30.41
CA LEU B 117 8.47 -11.37 29.62
C LEU B 117 7.31 -12.00 30.39
N PRO B 118 6.06 -11.55 30.14
CA PRO B 118 4.92 -12.22 30.78
C PRO B 118 4.92 -13.70 30.41
N LYS B 119 4.51 -14.52 31.36
CA LYS B 119 4.38 -15.94 31.07
C LYS B 119 3.19 -16.27 30.21
N SER B 120 2.16 -15.44 30.23
CA SER B 120 0.91 -15.72 29.56
C SER B 120 0.33 -14.43 29.00
N LEU B 121 -0.39 -14.56 27.89
CA LEU B 121 -1.16 -13.43 27.39
C LEU B 121 -2.05 -12.82 28.46
N MET B 122 -2.56 -13.65 29.38
CA MET B 122 -3.51 -13.15 30.37
C MET B 122 -2.84 -12.22 31.36
N ASP B 123 -1.52 -12.31 31.53
CA ASP B 123 -0.82 -11.45 32.47
C ASP B 123 -0.79 -9.99 32.04
N LEU B 124 -0.95 -9.69 30.75
CA LEU B 124 -0.78 -8.32 30.26
C LEU B 124 -1.87 -7.37 30.74
N SER B 125 -2.93 -7.88 31.35
CA SER B 125 -3.90 -7.00 32.00
C SER B 125 -3.46 -6.57 33.39
N ASP B 126 -2.27 -6.98 33.84
CA ASP B 126 -1.75 -6.56 35.15
C ASP B 126 -1.14 -5.16 35.05
N PRO B 127 -1.32 -4.32 36.07
CA PRO B 127 -0.80 -2.94 35.99
C PRO B 127 0.70 -2.87 35.83
N SER B 128 1.44 -3.93 36.16
CA SER B 128 2.89 -3.89 36.03
C SER B 128 3.33 -3.75 34.56
N TRP B 129 2.46 -4.05 33.59
CA TRP B 129 2.78 -3.89 32.18
C TRP B 129 2.33 -2.54 31.63
N SER B 130 1.85 -1.64 32.48
CA SER B 130 1.36 -0.35 32.01
C SER B 130 2.45 0.36 31.22
N GLY B 131 2.08 0.86 30.05
CA GLY B 131 3.00 1.59 29.20
C GLY B 131 4.06 0.76 28.50
N ARG B 132 4.08 -0.55 28.69
CA ARG B 132 5.18 -1.37 28.19
C ARG B 132 4.84 -2.20 26.96
N PHE B 133 3.62 -2.12 26.43
CA PHE B 133 3.31 -3.02 25.32
C PHE B 133 2.29 -2.40 24.38
N GLY B 134 2.38 -2.80 23.11
CA GLY B 134 1.45 -2.34 22.10
C GLY B 134 0.52 -3.44 21.65
N PHE B 135 -0.64 -3.07 21.10
CA PHE B 135 -1.54 -4.05 20.51
C PHE B 135 -2.33 -3.33 19.42
N VAL B 136 -3.06 -4.11 18.63
CA VAL B 136 -3.68 -3.56 17.43
C VAL B 136 -5.17 -3.91 17.46
N PRO B 137 -6.01 -3.08 18.07
CA PRO B 137 -7.40 -3.51 18.29
C PRO B 137 -8.23 -3.63 17.02
N THR B 138 -7.82 -3.01 15.91
CA THR B 138 -8.55 -3.17 14.66
C THR B 138 -8.10 -4.35 13.84
N SER B 139 -7.14 -5.13 14.33
CA SER B 139 -6.55 -6.20 13.55
C SER B 139 -7.45 -7.45 13.55
N GLY B 140 -7.51 -8.12 12.40
CA GLY B 140 -8.29 -9.33 12.29
C GLY B 140 -7.81 -10.41 13.25
N ALA B 141 -6.49 -10.63 13.32
CA ALA B 141 -5.98 -11.64 14.23
C ALA B 141 -6.19 -11.25 15.69
N PHE B 142 -6.18 -9.95 15.99
CA PHE B 142 -6.53 -9.54 17.35
C PHE B 142 -7.98 -9.88 17.66
N LEU B 143 -8.88 -9.71 16.69
CA LEU B 143 -10.27 -10.14 16.89
C LEU B 143 -10.36 -11.63 17.21
N GLU B 144 -9.61 -12.46 16.48
CA GLU B 144 -9.61 -13.89 16.78
C GLU B 144 -8.97 -14.16 18.14
N GLN B 145 -7.92 -13.41 18.49
CA GLN B 145 -7.31 -13.55 19.80
C GLN B 145 -8.33 -13.33 20.91
N VAL B 146 -9.15 -12.28 20.79
CA VAL B 146 -10.19 -12.02 21.77
C VAL B 146 -11.18 -13.17 21.80
N ALA B 147 -11.56 -13.66 20.62
CA ALA B 147 -12.48 -14.78 20.54
C ALA B 147 -11.91 -16.00 21.26
N ALA B 148 -10.59 -16.22 21.10
CA ALA B 148 -9.92 -17.34 21.79
C ALA B 148 -9.95 -17.16 23.30
N VAL B 149 -9.73 -15.95 23.80
CA VAL B 149 -9.77 -15.73 25.25
C VAL B 149 -11.16 -16.01 25.78
N ILE B 150 -12.19 -15.53 25.07
CA ILE B 150 -13.58 -15.81 25.45
C ILE B 150 -13.81 -17.32 25.51
N LYS B 151 -13.35 -18.04 24.48
CA LYS B 151 -13.64 -19.48 24.44
C LYS B 151 -12.86 -20.23 25.50
N LEU B 152 -11.63 -19.80 25.81
CA LEU B 152 -10.79 -20.54 26.74
C LEU B 152 -10.95 -20.09 28.19
N LYS B 153 -11.31 -18.82 28.44
CA LYS B 153 -11.39 -18.31 29.79
C LYS B 153 -12.78 -17.87 30.23
N GLY B 154 -13.75 -17.84 29.33
CA GLY B 154 -15.07 -17.34 29.63
C GLY B 154 -15.19 -15.85 29.34
N GLN B 155 -16.46 -15.40 29.24
CA GLN B 155 -16.73 -14.03 28.81
C GLN B 155 -16.33 -13.01 29.88
N GLU B 156 -16.57 -13.34 31.16
CA GLU B 156 -16.25 -12.42 32.25
C GLU B 156 -14.75 -12.20 32.37
N GLU B 157 -13.98 -13.29 32.33
CA GLU B 157 -12.52 -13.15 32.36
C GLU B 157 -12.02 -12.40 31.14
N ALA B 158 -12.59 -12.66 29.97
CA ALA B 158 -12.14 -11.97 28.76
C ALA B 158 -12.45 -10.48 28.81
N GLU B 159 -13.59 -10.12 29.40
CA GLU B 159 -13.89 -8.69 29.57
C GLU B 159 -12.90 -8.00 30.49
N ASP B 160 -12.57 -8.65 31.61
CA ASP B 160 -11.57 -8.08 32.54
C ASP B 160 -10.22 -7.94 31.86
N TRP B 161 -9.81 -8.93 31.08
CA TRP B 161 -8.53 -8.89 30.40
C TRP B 161 -8.50 -7.75 29.37
N LEU B 162 -9.54 -7.65 28.55
CA LEU B 162 -9.57 -6.59 27.55
C LEU B 162 -9.64 -5.20 28.19
N THR B 163 -10.38 -5.09 29.30
CA THR B 163 -10.37 -3.86 30.10
C THR B 163 -8.94 -3.48 30.49
N GLY B 164 -8.18 -4.46 31.02
CA GLY B 164 -6.79 -4.20 31.35
C GLY B 164 -5.96 -3.76 30.16
N LEU B 165 -6.19 -4.39 28.99
CA LEU B 165 -5.44 -3.97 27.80
C LEU B 165 -5.79 -2.55 27.42
N LYS B 166 -7.06 -2.17 27.53
CA LYS B 166 -7.42 -0.78 27.22
C LYS B 166 -6.73 0.18 28.18
N ALA B 167 -6.67 -0.19 29.47
CA ALA B 167 -6.04 0.68 30.47
C ALA B 167 -4.53 0.79 30.26
N PHE B 168 -3.86 -0.32 29.94
CA PHE B 168 -2.42 -0.39 30.08
C PHE B 168 -1.66 -0.52 28.76
N GLY B 169 -2.30 -1.00 27.68
CA GLY B 169 -1.61 -1.16 26.41
C GLY B 169 -1.68 0.07 25.54
N SER B 170 -0.72 0.18 24.64
CA SER B 170 -0.65 1.30 23.71
C SER B 170 -1.22 0.84 22.38
N ILE B 171 -2.11 1.65 21.80
CA ILE B 171 -2.84 1.25 20.61
C ILE B 171 -2.05 1.65 19.37
N TYR B 172 -1.89 0.71 18.45
CA TYR B 172 -1.28 0.96 17.15
C TYR B 172 -2.30 0.65 16.05
N THR B 173 -2.19 1.41 14.96
CA THR B 173 -3.17 1.32 13.88
C THR B 173 -3.08 0.00 13.12
N ASN B 174 -1.91 -0.62 13.06
CA ASN B 174 -1.80 -1.90 12.39
C ASN B 174 -0.57 -2.62 12.93
N ASN B 175 -0.42 -3.88 12.55
CA ASN B 175 0.70 -4.67 13.07
C ASN B 175 2.03 -4.16 12.53
N VAL B 176 2.05 -3.57 11.34
CA VAL B 176 3.32 -3.08 10.81
C VAL B 176 3.87 -1.97 11.69
N THR B 177 3.01 -1.02 12.09
CA THR B 177 3.52 0.08 12.91
C THR B 177 3.82 -0.38 14.33
N ALA B 178 3.08 -1.38 14.85
CA ALA B 178 3.43 -1.96 16.15
C ALA B 178 4.81 -2.59 16.12
N MET B 179 5.10 -3.38 15.08
CA MET B 179 6.40 -4.03 14.95
C MET B 179 7.52 -3.01 14.82
N LYS B 180 7.28 -1.95 14.04
CA LYS B 180 8.25 -0.86 13.92
C LYS B 180 8.49 -0.18 15.26
N ALA B 181 7.41 0.02 16.03
CA ALA B 181 7.53 0.64 17.36
C ALA B 181 8.42 -0.18 18.28
N VAL B 182 8.25 -1.50 18.27
CA VAL B 182 9.11 -2.35 19.10
C VAL B 182 10.55 -2.27 18.64
N GLU B 183 10.76 -2.37 17.32
CA GLU B 183 12.12 -2.36 16.78
C GLU B 183 12.86 -1.06 17.10
N ASN B 184 12.14 0.06 17.09
CA ASN B 184 12.73 1.36 17.43
C ASN B 184 12.74 1.67 18.92
N GLY B 185 12.25 0.76 19.76
CA GLY B 185 12.25 1.02 21.20
C GLY B 185 11.23 2.03 21.65
N GLU B 186 10.27 2.38 20.80
CA GLU B 186 9.18 3.23 21.24
C GLU B 186 8.29 2.53 22.25
N VAL B 187 8.21 1.20 22.19
CA VAL B 187 7.46 0.41 23.16
C VAL B 187 8.24 -0.88 23.36
N ASP B 188 8.14 -1.46 24.56
CA ASP B 188 9.04 -2.58 24.88
C ASP B 188 8.65 -3.85 24.14
N MET B 189 7.37 -4.04 23.84
CA MET B 189 6.92 -5.27 23.22
C MET B 189 5.56 -5.03 22.59
N ALA B 190 5.13 -5.98 21.75
CA ALA B 190 3.83 -5.82 21.13
C ALA B 190 3.27 -7.18 20.71
N LEU B 191 1.94 -7.24 20.73
CA LEU B 191 1.18 -8.42 20.35
C LEU B 191 0.87 -8.31 18.86
N ILE B 192 1.44 -9.22 18.06
CA ILE B 192 1.30 -9.17 16.61
C ILE B 192 1.25 -10.59 16.08
N ASN B 193 1.27 -10.75 14.75
CA ASN B 193 1.45 -12.05 14.11
C ASN B 193 2.92 -12.28 13.77
N ASN B 194 3.30 -13.56 13.72
CA ASN B 194 4.72 -13.94 13.56
C ASN B 194 5.36 -13.35 12.30
N TYR B 195 4.62 -13.27 11.19
CA TYR B 195 5.29 -12.99 9.92
C TYR B 195 5.83 -11.57 9.81
N TYR B 196 5.30 -10.62 10.60
CA TYR B 196 5.76 -9.23 10.49
C TYR B 196 7.22 -9.08 10.85
N TRP B 197 7.71 -9.87 11.80
CA TRP B 197 9.12 -9.79 12.16
C TRP B 197 10.00 -10.18 10.97
N TYR B 198 9.62 -11.24 10.26
CA TYR B 198 10.44 -11.69 9.13
C TYR B 198 10.45 -10.67 8.00
N THR B 199 9.32 -9.99 7.77
CA THR B 199 9.27 -8.95 6.75
C THR B 199 10.24 -7.83 7.08
N LEU B 200 10.17 -7.34 8.32
CA LEU B 200 11.09 -6.28 8.73
C LEU B 200 12.54 -6.77 8.68
N LYS B 201 12.78 -8.02 9.06
CA LYS B 201 14.13 -8.58 9.03
C LYS B 201 14.70 -8.58 7.62
N LYS B 202 13.89 -8.94 6.62
CA LYS B 202 14.34 -8.87 5.24
C LYS B 202 14.58 -7.43 4.81
N GLU B 203 13.76 -6.50 5.29
CA GLU B 203 13.92 -5.12 4.83
C GLU B 203 15.14 -4.45 5.44
N LYS B 204 15.41 -4.69 6.73
CA LYS B 204 16.50 -4.01 7.42
C LYS B 204 17.75 -4.88 7.55
N GLY B 205 17.70 -6.15 7.21
CA GLY B 205 18.87 -7.00 7.32
C GLY B 205 19.19 -7.49 8.72
N GLU B 206 19.22 -6.59 9.70
CA GLU B 206 19.44 -6.94 11.09
C GLU B 206 18.42 -6.20 11.95
N LEU B 207 17.90 -6.90 12.97
CA LEU B 207 16.88 -6.36 13.86
C LEU B 207 17.36 -6.39 15.30
N ASN B 208 17.02 -5.32 16.05
CA ASN B 208 17.10 -5.33 17.51
C ASN B 208 16.10 -6.31 18.11
N SER B 209 14.89 -6.34 17.58
CA SER B 209 13.82 -7.04 18.26
C SER B 209 13.89 -8.55 18.02
N ARG B 210 13.22 -9.29 18.89
CA ARG B 210 13.11 -10.74 18.81
C ARG B 210 11.66 -11.12 19.00
N LEU B 211 11.35 -12.39 18.75
CA LEU B 211 10.01 -12.92 18.93
C LEU B 211 9.98 -13.83 20.14
N HIS B 212 8.94 -13.70 20.94
CA HIS B 212 8.69 -14.63 22.02
C HIS B 212 7.39 -15.37 21.72
N TYR B 213 7.41 -16.69 21.90
CA TYR B 213 6.23 -17.53 21.69
C TYR B 213 5.74 -18.03 23.04
N PHE B 214 4.46 -17.81 23.33
CA PHE B 214 3.90 -18.21 24.62
C PHE B 214 3.84 -19.73 24.78
N GLY B 215 3.49 -20.46 23.72
CA GLY B 215 3.38 -21.91 23.82
C GLY B 215 2.43 -22.38 24.93
N ASN B 216 2.62 -23.62 25.39
CA ASN B 216 1.91 -24.14 26.57
C ASN B 216 0.39 -24.06 26.45
N GLN B 217 -0.13 -24.11 25.22
CA GLN B 217 -1.55 -23.98 24.94
C GLN B 217 -2.13 -22.67 25.49
N ASP B 218 -1.28 -21.67 25.71
CA ASP B 218 -1.75 -20.37 26.19
C ASP B 218 -2.69 -19.76 25.15
N PRO B 219 -3.65 -18.93 25.58
CA PRO B 219 -4.42 -18.15 24.60
C PRO B 219 -3.55 -17.37 23.64
N GLY B 220 -2.41 -16.85 24.08
CA GLY B 220 -1.53 -16.07 23.21
C GLY B 220 -0.70 -16.86 22.24
N ALA B 221 -0.80 -18.19 22.26
CA ALA B 221 -0.14 -19.03 21.28
C ALA B 221 -1.08 -19.40 20.12
N LEU B 222 -2.18 -18.67 19.97
CA LEU B 222 -3.20 -18.95 18.96
C LEU B 222 -2.59 -19.02 17.56
N VAL B 223 -3.02 -20.02 16.79
CA VAL B 223 -2.74 -20.12 15.37
C VAL B 223 -4.02 -19.76 14.64
N THR B 224 -3.92 -18.88 13.64
CA THR B 224 -5.07 -18.49 12.83
C THR B 224 -4.82 -18.82 11.37
N VAL B 225 -5.90 -19.00 10.61
CA VAL B 225 -5.82 -19.53 9.26
C VAL B 225 -6.27 -18.47 8.25
N SER B 226 -5.42 -18.21 7.27
CA SER B 226 -5.75 -17.40 6.10
C SER B 226 -6.40 -18.31 5.07
N GLY B 227 -7.51 -17.86 4.46
CA GLY B 227 -8.31 -18.74 3.64
C GLY B 227 -8.70 -18.13 2.30
N ALA B 228 -9.30 -18.98 1.46
CA ALA B 228 -9.78 -18.55 0.17
C ALA B 228 -11.12 -19.20 -0.12
N ALA B 229 -11.87 -18.54 -0.99
CA ALA B 229 -13.18 -19.07 -1.40
C ALA B 229 -13.53 -18.55 -2.79
N VAL B 230 -14.31 -19.34 -3.49
CA VAL B 230 -14.89 -18.98 -4.78
C VAL B 230 -16.29 -18.40 -4.55
N LEU B 231 -16.61 -17.31 -5.22
CA LEU B 231 -17.93 -16.71 -5.13
C LEU B 231 -18.93 -17.43 -6.04
N LYS B 232 -20.14 -17.66 -5.51
CA LYS B 232 -21.22 -18.24 -6.30
C LYS B 232 -21.53 -17.40 -7.52
N SER B 233 -21.39 -16.08 -7.41
CA SER B 233 -21.72 -15.20 -8.53
C SER B 233 -20.69 -15.27 -9.66
N SER B 234 -19.57 -15.96 -9.48
CA SER B 234 -18.49 -15.90 -10.47
C SER B 234 -19.00 -16.33 -11.84
N LYS B 235 -18.68 -15.52 -12.86
CA LYS B 235 -18.89 -15.85 -14.26
C LYS B 235 -17.84 -16.81 -14.80
N HIS B 236 -16.87 -17.21 -13.98
CA HIS B 236 -15.79 -18.09 -14.41
C HIS B 236 -15.61 -19.22 -13.41
N PRO B 237 -16.64 -20.04 -13.20
CA PRO B 237 -16.58 -21.02 -12.11
C PRO B 237 -15.42 -21.97 -12.23
N ARG B 238 -15.12 -22.50 -13.42
CA ARG B 238 -14.01 -23.45 -13.52
C ARG B 238 -12.68 -22.76 -13.22
N GLU B 239 -12.46 -21.59 -13.81
CA GLU B 239 -11.20 -20.89 -13.64
C GLU B 239 -10.99 -20.45 -12.19
N ALA B 240 -12.07 -20.07 -11.50
CA ALA B 240 -11.95 -19.68 -10.09
C ALA B 240 -11.61 -20.88 -9.22
N GLN B 241 -12.27 -22.02 -9.47
CA GLN B 241 -11.89 -23.25 -8.79
C GLN B 241 -10.44 -23.60 -9.06
N GLN B 242 -10.00 -23.39 -10.30
CA GLN B 242 -8.61 -23.70 -10.63
C GLN B 242 -7.66 -22.79 -9.86
N PHE B 243 -8.07 -21.54 -9.64
CA PHE B 243 -7.22 -20.62 -8.90
C PHE B 243 -7.06 -21.05 -7.45
N VAL B 244 -8.16 -21.36 -6.77
CA VAL B 244 -8.06 -21.80 -5.38
C VAL B 244 -7.26 -23.10 -5.30
N ALA B 245 -7.48 -24.03 -6.23
CA ALA B 245 -6.69 -25.25 -6.25
C ALA B 245 -5.21 -24.94 -6.43
N PHE B 246 -4.90 -23.96 -7.27
CA PHE B 246 -3.51 -23.60 -7.53
C PHE B 246 -2.85 -23.02 -6.27
N MET B 247 -3.62 -22.31 -5.43
CA MET B 247 -3.02 -21.76 -4.23
C MET B 247 -2.46 -22.84 -3.32
N LEU B 248 -2.99 -24.06 -3.42
CA LEU B 248 -2.56 -25.17 -2.58
C LEU B 248 -1.60 -26.12 -3.30
N SER B 249 -1.24 -25.83 -4.54
CA SER B 249 -0.24 -26.60 -5.27
C SER B 249 1.16 -26.22 -4.78
N GLU B 250 2.15 -27.00 -5.21
CA GLU B 250 3.55 -26.70 -4.89
C GLU B 250 3.92 -25.30 -5.33
N GLU B 251 3.64 -24.97 -6.59
CA GLU B 251 4.00 -23.66 -7.12
C GLU B 251 3.28 -22.55 -6.38
N GLY B 252 2.02 -22.78 -6.00
CA GLY B 252 1.20 -21.74 -5.40
C GLY B 252 1.54 -21.49 -3.95
N GLN B 253 1.70 -22.56 -3.18
CA GLN B 253 2.10 -22.40 -1.78
C GLN B 253 3.45 -21.71 -1.69
N LYS B 254 4.39 -22.07 -2.57
CA LYS B 254 5.73 -21.47 -2.54
C LYS B 254 5.70 -20.01 -2.96
N ALA B 255 4.86 -19.67 -3.95
CA ALA B 255 4.66 -18.28 -4.32
C ALA B 255 4.19 -17.46 -3.12
N ILE B 256 3.22 -17.98 -2.37
CA ILE B 256 2.70 -17.27 -1.21
C ILE B 256 3.77 -17.16 -0.13
N LEU B 257 4.43 -18.29 0.17
CA LEU B 257 5.43 -18.30 1.22
C LEU B 257 6.65 -17.49 0.87
N SER B 258 6.91 -17.27 -0.42
CA SER B 258 8.00 -16.40 -0.83
C SER B 258 7.78 -14.96 -0.35
N GLN B 259 6.54 -14.57 -0.10
CA GLN B 259 6.25 -13.23 0.37
C GLN B 259 5.83 -13.17 1.83
N SER B 260 5.31 -14.26 2.39
CA SER B 260 4.86 -14.23 3.77
C SER B 260 5.40 -15.43 4.53
N ALA B 261 6.04 -15.15 5.67
CA ALA B 261 6.61 -16.20 6.50
C ALA B 261 5.49 -16.84 7.30
N GLU B 262 4.70 -17.68 6.63
CA GLU B 262 3.59 -18.39 7.23
C GLU B 262 3.77 -19.89 7.03
N TYR B 263 2.82 -20.69 7.57
CA TYR B 263 2.90 -22.14 7.51
C TYR B 263 1.97 -22.66 6.44
N PRO B 264 2.43 -23.55 5.56
CA PRO B 264 1.56 -24.03 4.48
C PRO B 264 0.42 -24.89 5.02
N MET B 265 -0.74 -24.77 4.38
CA MET B 265 -1.85 -25.64 4.73
C MET B 265 -1.92 -26.88 3.84
N ARG B 266 -1.18 -26.92 2.74
CA ARG B 266 -1.16 -28.12 1.92
C ARG B 266 -0.55 -29.27 2.69
N LYS B 267 -1.28 -30.38 2.78
CA LYS B 267 -0.81 -31.54 3.54
C LYS B 267 0.52 -32.05 3.03
N GLY B 268 1.40 -32.38 3.95
CA GLY B 268 2.71 -32.88 3.61
C GLY B 268 3.75 -31.83 3.35
N MET B 269 3.37 -30.57 3.20
CA MET B 269 4.31 -29.53 2.84
C MET B 269 4.92 -28.90 4.08
N GLN B 270 6.22 -28.62 4.02
CA GLN B 270 6.96 -28.03 5.14
C GLN B 270 7.09 -26.52 4.95
N ALA B 271 7.06 -25.80 6.07
CA ALA B 271 7.30 -24.37 6.04
C ALA B 271 8.77 -24.09 5.76
N ASP B 272 9.07 -22.83 5.51
CA ASP B 272 10.47 -22.46 5.34
C ASP B 272 11.26 -22.88 6.58
N PRO B 273 12.44 -23.48 6.41
CA PRO B 273 13.18 -23.98 7.57
C PRO B 273 13.63 -22.89 8.52
N ALA B 274 13.63 -21.63 8.08
CA ALA B 274 13.99 -20.53 8.99
C ALA B 274 12.88 -20.20 9.98
N LEU B 275 11.63 -20.60 9.71
CA LEU B 275 10.54 -20.38 10.65
C LEU B 275 10.68 -21.28 11.88
N LYS B 276 10.18 -20.79 13.02
CA LYS B 276 10.00 -21.65 14.17
C LYS B 276 9.19 -22.87 13.76
N PRO B 277 9.72 -24.08 13.93
CA PRO B 277 8.98 -25.29 13.53
C PRO B 277 7.57 -25.30 14.12
N PHE B 278 6.60 -25.64 13.26
CA PHE B 278 5.21 -25.65 13.69
C PHE B 278 5.00 -26.55 14.89
N ALA B 279 5.72 -27.67 14.94
CA ALA B 279 5.58 -28.63 16.02
C ALA B 279 6.00 -28.06 17.37
N GLU B 280 6.70 -26.93 17.40
CA GLU B 280 7.15 -26.31 18.65
C GLU B 280 6.17 -25.26 19.19
N LEU B 281 5.09 -24.96 18.46
CA LEU B 281 4.24 -23.84 18.83
C LEU B 281 3.31 -24.14 20.01
N ASP B 282 2.89 -25.39 20.18
CA ASP B 282 1.97 -25.82 21.22
C ASP B 282 0.78 -24.85 21.37
N PRO B 283 0.00 -24.63 20.30
CA PRO B 283 -1.09 -23.65 20.37
C PRO B 283 -2.27 -24.21 21.16
N PRO B 284 -3.20 -23.35 21.58
CA PRO B 284 -4.46 -23.87 22.13
C PRO B 284 -5.16 -24.70 21.07
N LYS B 285 -5.97 -25.64 21.53
CA LYS B 285 -6.67 -26.55 20.62
C LYS B 285 -7.95 -25.86 20.15
N LEU B 286 -7.77 -24.93 19.22
CA LEU B 286 -8.86 -24.17 18.63
C LEU B 286 -8.72 -24.19 17.12
N THR B 287 -9.83 -24.40 16.45
CA THR B 287 -9.90 -24.47 15.01
C THR B 287 -10.62 -23.24 14.48
N PRO B 288 -10.49 -22.94 13.19
CA PRO B 288 -11.30 -21.85 12.63
C PRO B 288 -12.78 -21.98 12.94
N ALA B 289 -13.33 -23.20 12.88
CA ALA B 289 -14.75 -23.39 13.17
C ALA B 289 -15.07 -23.05 14.62
N ASP B 290 -14.14 -23.29 15.55
CA ASP B 290 -14.37 -22.92 16.94
C ASP B 290 -14.48 -21.40 17.11
N LEU B 291 -13.63 -20.65 16.42
CA LEU B 291 -13.71 -19.20 16.51
C LEU B 291 -14.87 -18.64 15.71
N GLY B 292 -15.34 -19.36 14.69
CA GLY B 292 -16.52 -18.96 13.96
C GLY B 292 -16.40 -17.56 13.41
N GLU B 293 -17.51 -16.83 13.45
CA GLU B 293 -17.52 -15.45 12.98
C GLU B 293 -16.96 -14.48 14.00
N ALA B 294 -16.54 -14.96 15.17
CA ALA B 294 -15.95 -14.12 16.23
C ALA B 294 -16.91 -13.01 16.67
N SER B 295 -18.21 -13.31 16.67
CA SER B 295 -19.22 -12.29 16.95
C SER B 295 -19.18 -11.85 18.40
N GLU B 296 -18.98 -12.79 19.34
CA GLU B 296 -18.88 -12.42 20.74
C GLU B 296 -17.65 -11.56 21.00
N ALA B 297 -16.56 -11.77 20.27
CA ALA B 297 -15.39 -10.90 20.42
C ALA B 297 -15.66 -9.50 19.87
N LEU B 298 -16.34 -9.40 18.72
CA LEU B 298 -16.67 -8.08 18.19
C LEU B 298 -17.59 -7.33 19.13
N SER B 299 -18.60 -8.02 19.68
CA SER B 299 -19.46 -7.42 20.69
C SER B 299 -18.63 -6.87 21.85
N LEU B 300 -17.68 -7.66 22.35
CA LEU B 300 -16.88 -7.24 23.49
C LEU B 300 -15.95 -6.08 23.12
N GLU B 301 -15.30 -6.15 21.95
CA GLU B 301 -14.49 -5.03 21.50
C GLU B 301 -15.31 -3.75 21.42
N ARG B 302 -16.55 -3.84 20.97
CA ARG B 302 -17.39 -2.64 20.89
C ARG B 302 -17.80 -2.16 22.29
N ASP B 303 -18.12 -3.08 23.20
CA ASP B 303 -18.47 -2.70 24.58
C ASP B 303 -17.34 -1.90 25.23
N VAL B 304 -16.11 -2.39 25.13
CA VAL B 304 -15.00 -1.71 25.78
C VAL B 304 -14.49 -0.51 24.98
N GLY B 305 -15.05 -0.26 23.80
CA GLY B 305 -14.64 0.90 23.03
C GLY B 305 -13.29 0.77 22.36
N LEU B 306 -12.95 -0.42 21.87
CA LEU B 306 -11.69 -0.63 21.18
C LEU B 306 -11.84 -0.83 19.69
N ASN B 307 -12.99 -1.27 19.22
CA ASN B 307 -13.18 -1.52 17.81
C ASN B 307 -14.66 -1.65 17.46
#